data_5QQ4
#
_entry.id   5QQ4
#
_cell.length_a   57.821
_cell.length_b   57.821
_cell.length_c   396.079
_cell.angle_alpha   90.000
_cell.angle_beta   90.000
_cell.angle_gamma   120.000
#
_symmetry.space_group_name_H-M   'P 61 2 2'
#
loop_
_entity.id
_entity.type
_entity.pdbx_description
1 polymer 'Farnesyl diphosphate synthase'
2 non-polymer 'SULFATE ION'
3 non-polymer 'ACETATE ION'
4 non-polymer 'ZINC ION'
5 non-polymer 1-[4-(trifluoromethyloxy)phenyl]thiourea
6 water water
#
_entity_poly.entity_id   1
_entity_poly.type   'polypeptide(L)'
_entity_poly.pdbx_seq_one_letter_code
;GPMASMERFLSVYDEVQAFLLDQLQSKYEIDPNRARYLRIMMDTTCLGGKYFRGMTVVNVAEGFLAVTQHDEATKERILH
DACVGGWMIEFLQAHYLVEDDIMDGSVMRRGKPCWYRFPGVTTQCAINDGIILKSWTQIMAWHYFADRPFLKDLLCLFQK
VDYATAVGQMYDVTSMCDSNKLDPEVAQPMTTDFAEFTPAIYKRIVKYKTTFYTYLLPLVMGLLVSEAAASVEMNLVERV
AHLIGEYFQVQDDVMDCFTPPEQLGKVGTDIEDAKCSWLAVTFLGKANAAQVAEFKANYGEKDPAKVAVVKRLYSKANLQ
ADFAAYEAEVVREVESLIEQLKVKSPTFAESVAVVWEKTHKRKK
;
_entity_poly.pdbx_strand_id   A
#
loop_
_chem_comp.id
_chem_comp.type
_chem_comp.name
_chem_comp.formula
ACT non-polymer 'ACETATE ION' 'C2 H3 O2 -1'
LX7 non-polymer 1-[4-(trifluoromethyloxy)phenyl]thiourea 'C8 H7 F3 N2 O S'
SO4 non-polymer 'SULFATE ION' 'O4 S -2'
ZN non-polymer 'ZINC ION' 'Zn 2'
#
# COMPACT_ATOMS: atom_id res chain seq x y z
N MET A 3 9.17 -11.51 24.24
CA MET A 3 9.46 -11.89 22.80
C MET A 3 9.55 -10.66 21.86
N ALA A 4 10.61 -10.59 21.02
CA ALA A 4 10.71 -9.49 20.03
C ALA A 4 9.57 -9.57 19.01
N SER A 5 9.15 -8.39 18.62
CA SER A 5 7.89 -8.23 17.88
C SER A 5 7.92 -8.93 16.55
N MET A 6 9.04 -8.76 15.84
CA MET A 6 9.15 -9.37 14.52
C MET A 6 9.13 -10.90 14.56
N GLU A 7 9.84 -11.49 15.51
CA GLU A 7 9.85 -12.93 15.65
C GLU A 7 8.48 -13.44 16.02
N ARG A 8 7.73 -12.65 16.82
CA ARG A 8 6.31 -13.02 17.13
C ARG A 8 5.50 -13.03 15.82
N PHE A 9 5.66 -11.97 15.08
CA PHE A 9 4.88 -11.78 13.86
C PHE A 9 5.19 -12.88 12.84
N LEU A 10 6.49 -13.15 12.60
CA LEU A 10 6.81 -14.29 11.73
C LEU A 10 6.35 -15.66 12.19
N SER A 11 6.39 -15.91 13.55
CA SER A 11 5.87 -17.11 14.06
C SER A 11 4.41 -17.28 13.80
N VAL A 12 3.68 -16.17 13.94
CA VAL A 12 2.25 -16.22 13.62
C VAL A 12 1.92 -16.46 12.14
N TYR A 13 2.79 -15.98 11.25
CA TYR A 13 2.64 -16.38 9.90
C TYR A 13 2.61 -17.92 9.80
N ASP A 14 3.59 -18.60 10.38
CA ASP A 14 3.59 -20.04 10.27
C ASP A 14 2.32 -20.71 10.83
N GLU A 15 1.80 -20.13 11.91
CA GLU A 15 0.60 -20.61 12.54
C GLU A 15 -0.59 -20.45 11.64
N VAL A 16 -0.70 -19.27 11.04
CA VAL A 16 -1.83 -18.94 10.21
C VAL A 16 -1.78 -19.75 8.91
N GLN A 17 -0.57 -19.91 8.42
CA GLN A 17 -0.39 -20.76 7.22
C GLN A 17 -0.92 -22.19 7.48
N ALA A 18 -0.42 -22.79 8.57
CA ALA A 18 -0.79 -24.11 8.93
C ALA A 18 -2.26 -24.29 9.13
N PHE A 19 -2.88 -23.32 9.80
CA PHE A 19 -4.26 -23.29 9.96
C PHE A 19 -5.04 -23.29 8.63
N LEU A 20 -4.64 -22.36 7.78
CA LEU A 20 -5.36 -22.24 6.45
C LEU A 20 -5.23 -23.60 5.67
N LEU A 21 -4.00 -24.11 5.58
CA LEU A 21 -3.73 -25.31 4.76
C LEU A 21 -4.37 -26.55 5.41
N ASP A 22 -4.34 -26.67 6.74
CA ASP A 22 -5.02 -27.77 7.41
C ASP A 22 -6.55 -27.74 7.19
N GLN A 23 -7.14 -26.55 7.23
CA GLN A 23 -8.54 -26.37 6.97
C GLN A 23 -8.87 -26.71 5.51
N LEU A 24 -8.00 -26.36 4.58
CA LEU A 24 -8.25 -26.75 3.18
C LEU A 24 -8.34 -28.28 3.08
N GLN A 25 -7.47 -28.96 3.81
CA GLN A 25 -7.48 -30.49 3.79
C GLN A 25 -8.74 -31.07 4.52
N SER A 26 -9.13 -30.51 5.65
CA SER A 26 -10.22 -31.08 6.41
C SER A 26 -11.57 -30.67 6.01
N LYS A 27 -11.74 -29.50 5.41
CA LYS A 27 -13.05 -28.97 5.08
C LYS A 27 -13.27 -28.77 3.57
N TYR A 28 -12.21 -28.64 2.79
CA TYR A 28 -12.33 -28.23 1.39
C TYR A 28 -11.77 -29.31 0.43
N GLU A 29 -11.49 -30.50 0.97
CA GLU A 29 -11.14 -31.69 0.16
C GLU A 29 -9.87 -31.50 -0.68
N ILE A 30 -8.99 -30.64 -0.26
CA ILE A 30 -7.77 -30.45 -1.01
C ILE A 30 -6.86 -31.65 -0.91
N ASP A 31 -6.09 -31.84 -1.92
CA ASP A 31 -5.05 -32.86 -1.99
C ASP A 31 -3.70 -32.27 -1.71
N PRO A 32 -2.69 -33.08 -1.39
CA PRO A 32 -1.40 -32.56 -0.92
C PRO A 32 -0.64 -31.75 -1.93
N ASN A 33 -0.78 -32.03 -3.21
CA ASN A 33 -0.10 -31.30 -4.17
C ASN A 33 -0.66 -29.86 -4.41
N ARG A 34 -1.97 -29.78 -4.34
CA ARG A 34 -2.60 -28.43 -4.49
C ARG A 34 -2.33 -27.64 -3.23
N ALA A 35 -2.33 -28.33 -2.07
CA ALA A 35 -1.97 -27.63 -0.81
C ALA A 35 -0.56 -27.11 -0.92
N ARG A 36 0.40 -27.91 -1.48
CA ARG A 36 1.75 -27.45 -1.67
C ARG A 36 1.83 -26.21 -2.60
N TYR A 37 1.10 -26.30 -3.71
CA TYR A 37 1.07 -25.14 -4.65
C TYR A 37 0.65 -23.87 -3.86
N LEU A 38 -0.36 -24.01 -3.02
CA LEU A 38 -0.91 -22.86 -2.27
C LEU A 38 -0.01 -22.37 -1.22
N ARG A 39 0.73 -23.29 -0.56
CA ARG A 39 1.72 -22.87 0.40
C ARG A 39 2.84 -22.06 -0.23
N ILE A 40 3.32 -22.54 -1.42
CA ILE A 40 4.30 -21.85 -2.17
C ILE A 40 3.78 -20.46 -2.66
N MET A 41 2.56 -20.44 -3.14
CA MET A 41 1.99 -19.19 -3.57
C MET A 41 1.98 -18.16 -2.44
N MET A 42 1.52 -18.63 -1.27
CA MET A 42 1.32 -17.77 -0.09
C MET A 42 2.73 -17.25 0.24
N ASP A 43 3.73 -18.14 0.35
CA ASP A 43 5.06 -17.68 0.68
C ASP A 43 5.65 -16.67 -0.28
N THR A 44 5.48 -16.97 -1.56
CA THR A 44 6.03 -16.16 -2.58
C THR A 44 5.42 -14.78 -2.69
N THR A 45 4.14 -14.67 -2.41
CA THR A 45 3.41 -13.46 -2.55
C THR A 45 3.26 -12.66 -1.26
N CYS A 46 3.44 -13.33 -0.11
CA CYS A 46 3.25 -12.57 1.21
C CYS A 46 4.55 -12.30 1.94
N LEU A 47 5.61 -13.06 1.63
CA LEU A 47 6.85 -12.89 2.39
C LEU A 47 7.91 -12.17 1.56
N GLY A 48 8.90 -11.59 2.27
CA GLY A 48 10.10 -11.06 1.69
C GLY A 48 10.16 -9.55 1.64
N GLY A 49 9.08 -8.86 2.02
CA GLY A 49 9.12 -7.43 2.18
C GLY A 49 9.54 -7.08 3.61
N LYS A 50 9.31 -5.82 4.02
CA LYS A 50 9.72 -5.35 5.32
C LYS A 50 8.60 -5.52 6.38
N TYR A 51 7.42 -5.82 5.90
CA TYR A 51 6.23 -6.06 6.74
C TYR A 51 5.87 -4.80 7.52
N PHE A 52 6.12 -3.68 6.92
CA PHE A 52 5.80 -2.41 7.55
C PHE A 52 4.36 -2.29 8.01
N ARG A 53 3.45 -2.65 7.12
CA ARG A 53 2.05 -2.54 7.37
C ARG A 53 1.63 -3.43 8.49
N GLY A 54 1.96 -4.73 8.41
CA GLY A 54 1.55 -5.65 9.43
C GLY A 54 2.23 -5.32 10.78
N MET A 55 3.51 -4.99 10.77
CA MET A 55 4.21 -4.63 12.00
C MET A 55 3.70 -3.35 12.62
N THR A 56 3.08 -2.44 11.88
CA THR A 56 2.46 -1.20 12.48
C THR A 56 1.34 -1.61 13.42
N VAL A 57 0.56 -2.61 13.06
CA VAL A 57 -0.55 -3.06 13.92
C VAL A 57 0.09 -3.53 15.26
N VAL A 58 1.16 -4.34 15.18
CA VAL A 58 1.85 -4.85 16.35
C VAL A 58 2.44 -3.69 17.17
N ASN A 59 3.06 -2.75 16.46
CA ASN A 59 3.63 -1.59 17.17
C ASN A 59 2.64 -0.75 17.92
N VAL A 60 1.47 -0.49 17.35
CA VAL A 60 0.50 0.35 17.97
C VAL A 60 0.00 -0.44 19.21
N ALA A 61 -0.22 -1.74 19.02
CA ALA A 61 -0.71 -2.56 20.19
C ALA A 61 0.31 -2.57 21.31
N GLU A 62 1.60 -2.71 21.02
CA GLU A 62 2.67 -2.68 22.04
C GLU A 62 2.67 -1.38 22.75
N GLY A 63 2.41 -0.27 22.05
CA GLY A 63 2.38 1.01 22.71
C GLY A 63 1.36 1.06 23.77
N PHE A 64 0.15 0.57 23.45
CA PHE A 64 -0.93 0.55 24.40
C PHE A 64 -0.64 -0.41 25.53
N LEU A 65 0.05 -1.51 25.31
CA LEU A 65 0.33 -2.45 26.42
C LEU A 65 1.16 -1.82 27.50
N ALA A 66 2.04 -0.92 27.12
CA ALA A 66 2.99 -0.32 28.05
C ALA A 66 2.26 0.61 28.96
N VAL A 67 1.06 1.03 28.65
CA VAL A 67 0.34 2.01 29.50
C VAL A 67 -1.01 1.49 30.04
N THR A 68 -1.34 0.21 29.80
CA THR A 68 -2.63 -0.32 30.12
C THR A 68 -2.44 -1.55 30.97
N GLN A 69 -3.19 -1.66 32.06
CA GLN A 69 -3.08 -2.83 32.93
C GLN A 69 -3.82 -4.01 32.37
N HIS A 70 -3.09 -5.14 32.32
CA HIS A 70 -3.66 -6.37 31.84
C HIS A 70 -2.97 -7.60 32.45
N ASP A 71 -3.69 -8.70 32.55
CA ASP A 71 -3.10 -10.03 32.86
C ASP A 71 -2.15 -10.35 31.74
N GLU A 72 -1.11 -11.13 32.08
CA GLU A 72 -0.18 -11.63 31.04
C GLU A 72 -0.87 -12.32 29.90
N ALA A 73 -1.84 -13.20 30.17
CA ALA A 73 -2.55 -13.92 29.09
C ALA A 73 -3.25 -12.94 28.17
N THR A 74 -3.74 -11.84 28.71
CA THR A 74 -4.38 -10.80 27.89
C THR A 74 -3.37 -10.05 27.00
N LYS A 75 -2.16 -9.77 27.52
CA LYS A 75 -1.12 -9.15 26.73
C LYS A 75 -0.82 -10.10 25.58
N GLU A 76 -0.70 -11.36 25.86
CA GLU A 76 -0.42 -12.30 24.79
C GLU A 76 -1.50 -12.43 23.78
N ARG A 77 -2.75 -12.41 24.20
CA ARG A 77 -3.84 -12.46 23.32
C ARG A 77 -3.95 -11.19 22.40
N ILE A 78 -3.72 -9.99 22.98
CA ILE A 78 -3.73 -8.77 22.22
C ILE A 78 -2.60 -8.83 21.18
N LEU A 79 -1.41 -9.26 21.57
CA LEU A 79 -0.31 -9.35 20.65
C LEU A 79 -0.57 -10.35 19.55
N HIS A 80 -1.19 -11.45 19.89
CA HIS A 80 -1.54 -12.46 18.89
C HIS A 80 -2.55 -11.88 17.91
N ASP A 81 -3.52 -11.15 18.42
CA ASP A 81 -4.53 -10.59 17.59
C ASP A 81 -3.90 -9.48 16.67
N ALA A 82 -2.99 -8.70 17.21
CA ALA A 82 -2.32 -7.68 16.41
C ALA A 82 -1.57 -8.35 15.26
N CYS A 83 -0.93 -9.50 15.58
CA CYS A 83 -0.26 -10.23 14.51
C CYS A 83 -1.18 -10.78 13.43
N VAL A 84 -2.26 -11.43 13.80
CA VAL A 84 -3.24 -11.89 12.86
C VAL A 84 -3.77 -10.72 12.05
N GLY A 85 -4.13 -9.66 12.73
CA GLY A 85 -4.60 -8.44 12.01
C GLY A 85 -3.53 -7.91 10.99
N GLY A 86 -2.27 -7.90 11.39
CA GLY A 86 -1.16 -7.40 10.58
C GLY A 86 -1.08 -8.32 9.35
N TRP A 87 -1.22 -9.63 9.54
CA TRP A 87 -1.20 -10.52 8.38
C TRP A 87 -2.35 -10.36 7.50
N MET A 88 -3.54 -9.97 8.04
CA MET A 88 -4.64 -9.70 7.16
C MET A 88 -4.22 -8.56 6.18
N ILE A 89 -3.54 -7.55 6.69
CA ILE A 89 -3.23 -6.42 5.87
C ILE A 89 -2.17 -6.87 4.87
N GLU A 90 -1.19 -7.65 5.32
CA GLU A 90 -0.12 -8.17 4.39
C GLU A 90 -0.69 -9.03 3.26
N PHE A 91 -1.70 -9.83 3.57
CA PHE A 91 -2.31 -10.69 2.57
C PHE A 91 -3.17 -9.81 1.67
N LEU A 92 -3.80 -8.76 2.21
CA LEU A 92 -4.57 -7.82 1.33
C LEU A 92 -3.63 -7.15 0.38
N GLN A 93 -2.48 -6.76 0.87
CA GLN A 93 -1.50 -6.14 -0.03
C GLN A 93 -1.10 -7.14 -1.07
N ALA A 94 -0.80 -8.33 -0.65
CA ALA A 94 -0.41 -9.37 -1.63
C ALA A 94 -1.41 -9.63 -2.74
N HIS A 95 -2.68 -9.70 -2.42
CA HIS A 95 -3.81 -9.74 -3.38
C HIS A 95 -3.64 -8.58 -4.35
N TYR A 96 -3.47 -7.37 -3.86
CA TYR A 96 -3.41 -6.26 -4.79
C TYR A 96 -2.13 -6.25 -5.60
N LEU A 97 -0.98 -6.70 -5.08
CA LEU A 97 0.25 -6.71 -5.91
C LEU A 97 0.11 -7.78 -6.97
N VAL A 98 -0.40 -8.97 -6.60
CA VAL A 98 -0.57 -10.05 -7.61
C VAL A 98 -1.44 -9.50 -8.74
N GLU A 99 -2.61 -8.92 -8.45
CA GLU A 99 -3.55 -8.54 -9.49
C GLU A 99 -2.99 -7.30 -10.29
N ASP A 100 -2.28 -6.41 -9.61
CA ASP A 100 -1.84 -5.16 -10.24
C ASP A 100 -0.68 -5.43 -11.25
N ASP A 101 0.16 -6.44 -10.81
CA ASP A 101 1.26 -6.89 -11.67
C ASP A 101 0.69 -7.49 -12.95
N ILE A 102 -0.41 -8.24 -12.87
CA ILE A 102 -1.03 -8.84 -14.02
C ILE A 102 -1.68 -7.74 -14.85
N MET A 103 -2.49 -6.92 -14.20
CA MET A 103 -3.09 -5.80 -14.92
C MET A 103 -2.03 -5.08 -15.85
N ASP A 104 -0.93 -4.62 -15.05
CA ASP A 104 0.06 -3.70 -15.62
C ASP A 104 1.06 -4.37 -16.56
N GLY A 105 1.06 -5.69 -16.65
CA GLY A 105 2.05 -6.41 -17.43
C GLY A 105 3.43 -6.24 -16.84
N SER A 106 3.50 -6.14 -15.51
CA SER A 106 4.74 -5.92 -14.83
C SER A 106 5.67 -7.17 -14.96
N VAL A 107 6.99 -6.92 -14.87
CA VAL A 107 7.95 -7.98 -15.10
C VAL A 107 8.53 -8.47 -13.78
N MET A 108 8.97 -7.55 -12.94
CA MET A 108 9.58 -7.90 -11.70
C MET A 108 8.92 -7.16 -10.57
N ARG A 109 9.16 -7.65 -9.39
CA ARG A 109 8.74 -7.02 -8.11
C ARG A 109 9.73 -7.46 -7.07
N ARG A 110 10.40 -6.50 -6.41
CA ARG A 110 11.38 -6.79 -5.36
C ARG A 110 12.55 -7.66 -5.88
N GLY A 111 12.98 -7.42 -7.11
CA GLY A 111 14.08 -8.21 -7.72
C GLY A 111 13.76 -9.66 -8.08
N LYS A 112 12.48 -10.07 -8.07
CA LYS A 112 12.03 -11.38 -8.53
C LYS A 112 10.87 -11.27 -9.57
N PRO A 113 10.67 -12.29 -10.41
CA PRO A 113 9.60 -12.23 -11.34
C PRO A 113 8.28 -12.09 -10.58
N CYS A 114 7.43 -11.31 -11.17
CA CYS A 114 6.00 -11.31 -10.73
C CYS A 114 5.40 -12.72 -10.70
N TRP A 115 4.49 -13.00 -9.73
CA TRP A 115 3.91 -14.28 -9.54
C TRP A 115 3.38 -14.85 -10.87
N TYR A 116 2.60 -14.09 -11.60
CA TYR A 116 1.95 -14.61 -12.79
C TYR A 116 2.95 -15.14 -13.86
N ARG A 117 4.16 -14.64 -13.78
CA ARG A 117 5.27 -15.03 -14.71
C ARG A 117 5.95 -16.27 -14.32
N PHE A 118 5.69 -16.80 -13.12
CA PHE A 118 6.33 -18.10 -12.82
C PHE A 118 5.87 -19.16 -13.85
N PRO A 119 6.73 -20.07 -14.26
CA PRO A 119 6.32 -20.96 -15.38
C PRO A 119 5.12 -21.84 -15.18
N GLY A 120 4.94 -22.28 -13.92
CA GLY A 120 3.86 -23.18 -13.58
C GLY A 120 2.71 -22.45 -12.93
N VAL A 121 2.64 -21.12 -13.10
CA VAL A 121 1.52 -20.33 -12.55
C VAL A 121 0.59 -19.90 -13.72
N THR A 122 1.11 -18.96 -14.52
CA THR A 122 0.37 -18.34 -15.63
C THR A 122 -0.73 -17.45 -15.09
N THR A 123 -1.16 -16.55 -15.95
CA THR A 123 -2.20 -15.52 -15.60
C THR A 123 -3.51 -16.28 -15.24
N GLN A 124 -3.78 -17.34 -15.94
CA GLN A 124 -5.00 -18.08 -15.73
C GLN A 124 -5.10 -18.48 -14.28
N CYS A 125 -4.04 -18.97 -13.71
CA CYS A 125 -4.03 -19.33 -12.29
C CYS A 125 -3.86 -18.15 -11.38
N ALA A 126 -2.91 -17.23 -11.73
CA ALA A 126 -2.50 -16.16 -10.82
C ALA A 126 -3.68 -15.23 -10.52
N ILE A 127 -4.57 -14.96 -11.45
CA ILE A 127 -5.76 -14.06 -11.12
C ILE A 127 -6.53 -14.73 -9.95
N ASN A 128 -6.74 -16.01 -10.09
CA ASN A 128 -7.45 -16.76 -9.02
C ASN A 128 -6.66 -16.90 -7.76
N ASP A 129 -5.33 -17.03 -7.82
CA ASP A 129 -4.49 -17.06 -6.66
C ASP A 129 -4.62 -15.73 -5.88
N GLY A 130 -4.67 -14.60 -6.61
CA GLY A 130 -4.87 -13.32 -5.95
C GLY A 130 -6.23 -13.23 -5.30
N ILE A 131 -7.25 -13.80 -5.92
CA ILE A 131 -8.62 -13.91 -5.20
C ILE A 131 -8.51 -14.65 -3.87
N ILE A 132 -7.87 -15.80 -3.94
CA ILE A 132 -7.65 -16.61 -2.78
C ILE A 132 -6.92 -15.84 -1.68
N LEU A 133 -5.89 -15.11 -2.00
CA LEU A 133 -5.18 -14.26 -1.07
C LEU A 133 -6.11 -13.41 -0.27
N LYS A 134 -6.98 -12.71 -0.99
CA LYS A 134 -7.88 -11.81 -0.24
C LYS A 134 -8.89 -12.67 0.55
N SER A 135 -9.35 -13.80 -0.02
CA SER A 135 -10.35 -14.62 0.67
C SER A 135 -9.74 -15.10 2.01
N TRP A 136 -8.47 -15.48 2.02
CA TRP A 136 -7.80 -15.83 3.29
C TRP A 136 -7.84 -14.78 4.41
N THR A 137 -7.78 -13.49 4.04
CA THR A 137 -7.99 -12.46 5.08
C THR A 137 -9.26 -12.66 5.88
N GLN A 138 -10.33 -12.98 5.18
CA GLN A 138 -11.64 -13.24 5.79
C GLN A 138 -11.64 -14.50 6.62
N ILE A 139 -11.02 -15.51 6.03
CA ILE A 139 -10.87 -16.83 6.71
C ILE A 139 -10.14 -16.59 8.00
N MET A 140 -9.06 -15.86 8.03
CA MET A 140 -8.34 -15.57 9.27
C MET A 140 -9.22 -14.83 10.26
N ALA A 141 -9.88 -13.78 9.83
CA ALA A 141 -10.59 -12.93 10.75
C ALA A 141 -11.71 -13.71 11.50
N TRP A 142 -12.47 -14.44 10.77
CA TRP A 142 -13.67 -14.93 11.41
C TRP A 142 -13.07 -16.08 12.39
N HIS A 143 -11.93 -16.77 12.03
CA HIS A 143 -11.37 -17.90 12.85
C HIS A 143 -10.87 -17.30 14.06
N TYR A 144 -9.91 -16.41 13.96
CA TYR A 144 -9.20 -15.93 15.14
C TYR A 144 -10.03 -14.96 15.94
N PHE A 145 -10.90 -14.19 15.29
CA PHE A 145 -11.64 -13.09 15.98
C PHE A 145 -13.11 -13.36 16.23
N ALA A 146 -13.53 -14.60 16.08
CA ALA A 146 -14.95 -14.96 16.15
C ALA A 146 -15.65 -14.46 17.43
N ASP A 147 -14.98 -14.57 18.53
CA ASP A 147 -15.71 -14.12 19.76
C ASP A 147 -15.33 -12.71 20.22
N ARG A 148 -14.56 -11.96 19.40
CA ARG A 148 -13.98 -10.74 19.87
C ARG A 148 -14.91 -9.55 19.73
N PRO A 149 -14.91 -8.64 20.69
CA PRO A 149 -15.88 -7.52 20.64
C PRO A 149 -15.62 -6.55 19.48
N PHE A 150 -14.38 -6.57 18.93
CA PHE A 150 -14.00 -5.71 17.80
C PHE A 150 -14.25 -6.39 16.41
N LEU A 151 -14.77 -7.59 16.37
CA LEU A 151 -14.97 -8.28 15.09
C LEU A 151 -15.77 -7.46 14.12
N LYS A 152 -16.96 -6.94 14.44
CA LYS A 152 -17.72 -6.20 13.45
C LYS A 152 -16.98 -4.92 12.99
N ASP A 153 -16.47 -4.16 13.92
CA ASP A 153 -15.79 -2.93 13.51
C ASP A 153 -14.56 -3.25 12.65
N LEU A 154 -13.82 -4.31 12.98
CA LEU A 154 -12.66 -4.69 12.15
C LEU A 154 -13.09 -5.10 10.72
N LEU A 155 -14.05 -5.99 10.60
CA LEU A 155 -14.51 -6.43 9.30
C LEU A 155 -15.04 -5.27 8.48
N CYS A 156 -15.83 -4.37 9.09
CA CYS A 156 -16.44 -3.25 8.38
C CYS A 156 -15.33 -2.26 7.89
N LEU A 157 -14.37 -1.93 8.78
CA LEU A 157 -13.18 -1.16 8.43
C LEU A 157 -12.41 -1.80 7.23
N PHE A 158 -12.11 -3.11 7.37
CA PHE A 158 -11.32 -3.81 6.38
C PHE A 158 -11.98 -3.74 5.02
N GLN A 159 -13.29 -3.96 5.03
N GLN A 159 -13.31 -3.93 4.95
CA GLN A 159 -14.17 -3.91 3.93
CA GLN A 159 -13.98 -3.91 3.67
C GLN A 159 -14.10 -2.59 3.15
C GLN A 159 -13.93 -2.50 3.08
N LYS A 160 -14.20 -1.50 3.89
CA LYS A 160 -14.12 -0.14 3.37
C LYS A 160 -12.73 0.21 2.78
N VAL A 161 -11.69 -0.29 3.44
CA VAL A 161 -10.34 -0.06 2.97
C VAL A 161 -10.10 -0.83 1.71
N ASP A 162 -10.57 -2.06 1.66
CA ASP A 162 -10.44 -2.88 0.43
C ASP A 162 -11.10 -2.15 -0.75
N TYR A 163 -12.35 -1.75 -0.53
CA TYR A 163 -13.05 -1.01 -1.52
C TYR A 163 -12.39 0.26 -1.95
N ALA A 164 -11.95 1.09 -1.01
CA ALA A 164 -11.24 2.32 -1.32
C ALA A 164 -10.03 2.03 -2.21
N THR A 165 -9.33 0.97 -1.92
CA THR A 165 -8.15 0.55 -2.64
C THR A 165 -8.50 0.20 -4.07
N ALA A 166 -9.59 -0.52 -4.30
CA ALA A 166 -9.95 -0.94 -5.66
C ALA A 166 -10.44 0.35 -6.42
N VAL A 167 -11.15 1.26 -5.71
CA VAL A 167 -11.47 2.57 -6.33
C VAL A 167 -10.20 3.32 -6.70
N GLY A 168 -9.21 3.34 -5.83
CA GLY A 168 -7.93 3.93 -6.18
C GLY A 168 -7.19 3.35 -7.33
N GLN A 169 -7.22 2.03 -7.47
CA GLN A 169 -6.69 1.43 -8.69
C GLN A 169 -7.42 2.07 -9.92
N MET A 170 -8.75 2.23 -9.81
CA MET A 170 -9.49 2.68 -10.98
C MET A 170 -9.03 4.08 -11.33
N TYR A 171 -8.78 4.85 -10.28
CA TYR A 171 -8.27 6.26 -10.46
C TYR A 171 -6.87 6.19 -11.05
N ASP A 172 -6.04 5.24 -10.66
CA ASP A 172 -4.71 5.11 -11.19
C ASP A 172 -4.64 4.68 -12.66
N VAL A 173 -5.34 3.60 -13.01
CA VAL A 173 -5.16 3.06 -14.36
C VAL A 173 -5.83 4.00 -15.36
N THR A 174 -6.76 4.86 -14.90
CA THR A 174 -7.43 5.79 -15.82
C THR A 174 -6.81 7.21 -15.81
N SER A 175 -5.76 7.40 -15.08
CA SER A 175 -5.23 8.71 -14.80
C SER A 175 -4.62 9.42 -16.06
N MET A 176 -4.32 8.65 -17.08
CA MET A 176 -3.78 9.18 -18.33
C MET A 176 -4.82 9.35 -19.40
N CYS A 177 -6.11 9.18 -19.13
CA CYS A 177 -7.13 9.37 -20.10
C CYS A 177 -7.89 10.62 -19.71
N ASP A 178 -8.60 11.24 -20.66
CA ASP A 178 -9.42 12.37 -20.33
C ASP A 178 -10.71 11.86 -19.79
N SER A 179 -11.14 12.34 -18.63
CA SER A 179 -12.34 11.90 -18.08
C SER A 179 -13.55 11.93 -18.95
N ASN A 180 -13.74 13.04 -19.68
CA ASN A 180 -14.88 13.17 -20.47
C ASN A 180 -14.95 12.12 -21.60
N LYS A 181 -13.86 11.44 -21.89
CA LYS A 181 -13.83 10.44 -22.98
C LYS A 181 -13.96 9.01 -22.46
N LEU A 182 -14.05 8.82 -21.15
CA LEU A 182 -14.13 7.44 -20.60
C LEU A 182 -15.38 6.84 -21.07
N ASP A 183 -15.33 5.63 -21.58
CA ASP A 183 -16.45 5.03 -22.26
C ASP A 183 -16.12 3.53 -22.60
N PRO A 184 -16.82 2.57 -21.95
CA PRO A 184 -16.51 1.17 -22.24
C PRO A 184 -16.58 0.77 -23.72
N GLU A 185 -17.39 1.52 -24.53
CA GLU A 185 -17.46 1.22 -25.93
C GLU A 185 -16.33 1.71 -26.81
N VAL A 186 -15.45 2.61 -26.33
CA VAL A 186 -14.47 3.27 -27.17
C VAL A 186 -13.09 3.10 -26.63
N ALA A 187 -12.12 2.57 -27.38
CA ALA A 187 -10.77 2.43 -26.92
C ALA A 187 -10.19 3.78 -26.49
N GLN A 188 -9.50 3.78 -25.36
CA GLN A 188 -9.21 5.08 -24.69
C GLN A 188 -7.92 5.63 -25.18
N PRO A 189 -7.98 6.85 -25.79
CA PRO A 189 -6.73 7.56 -26.09
C PRO A 189 -6.07 8.10 -24.88
N MET A 190 -4.76 8.12 -24.93
CA MET A 190 -4.02 8.98 -23.98
C MET A 190 -4.40 10.47 -24.12
N THR A 191 -4.52 11.17 -22.98
CA THR A 191 -4.66 12.62 -22.97
C THR A 191 -3.58 13.27 -23.77
N THR A 192 -3.99 14.31 -24.50
CA THR A 192 -2.98 15.16 -25.18
C THR A 192 -2.77 16.46 -24.43
N ASP A 193 -3.78 16.91 -23.70
CA ASP A 193 -3.63 18.17 -22.89
C ASP A 193 -2.94 18.09 -21.54
N PHE A 194 -3.00 16.89 -20.91
CA PHE A 194 -2.56 16.69 -19.55
C PHE A 194 -3.28 17.63 -18.53
N ALA A 195 -4.45 18.11 -18.85
CA ALA A 195 -5.22 18.98 -17.96
C ALA A 195 -5.58 18.35 -16.63
N GLU A 196 -5.64 17.04 -16.64
CA GLU A 196 -5.91 16.33 -15.44
C GLU A 196 -4.71 15.94 -14.61
N PHE A 197 -3.49 16.43 -14.93
CA PHE A 197 -2.33 16.16 -14.16
C PHE A 197 -2.17 17.35 -13.21
N THR A 198 -3.01 17.34 -12.21
CA THR A 198 -3.04 18.39 -11.19
C THR A 198 -2.69 17.84 -9.79
N PRO A 199 -2.28 18.73 -8.87
CA PRO A 199 -2.02 18.21 -7.52
C PRO A 199 -3.30 17.58 -6.92
N ALA A 200 -4.45 18.15 -7.06
CA ALA A 200 -5.63 17.62 -6.39
C ALA A 200 -5.97 16.24 -6.99
N ILE A 201 -5.84 16.09 -8.31
CA ILE A 201 -6.19 14.76 -8.97
C ILE A 201 -5.16 13.75 -8.54
N TYR A 202 -3.90 14.16 -8.51
CA TYR A 202 -2.85 13.26 -8.03
C TYR A 202 -3.15 12.80 -6.61
N LYS A 203 -3.42 13.76 -5.72
CA LYS A 203 -3.80 13.47 -4.35
C LYS A 203 -4.87 12.41 -4.27
N ARG A 204 -5.92 12.55 -5.06
CA ARG A 204 -7.05 11.61 -5.02
C ARG A 204 -6.57 10.20 -5.38
N ILE A 205 -5.72 10.06 -6.39
CA ILE A 205 -5.24 8.77 -6.77
C ILE A 205 -4.52 8.14 -5.61
N VAL A 206 -3.61 8.90 -5.05
CA VAL A 206 -2.75 8.36 -4.00
C VAL A 206 -3.52 8.02 -2.74
N LYS A 207 -4.46 8.88 -2.38
CA LYS A 207 -5.22 8.71 -1.18
C LYS A 207 -5.90 7.34 -1.24
N TYR A 208 -6.61 7.06 -2.33
CA TYR A 208 -7.36 5.82 -2.45
C TYR A 208 -6.48 4.60 -2.78
N LYS A 209 -5.50 4.74 -3.66
CA LYS A 209 -4.76 3.57 -4.09
C LYS A 209 -3.82 3.00 -3.03
N THR A 210 -3.32 3.88 -2.17
CA THR A 210 -2.22 3.48 -1.29
C THR A 210 -2.54 3.82 0.16
N THR A 211 -2.99 5.02 0.44
CA THR A 211 -2.98 5.46 1.84
C THR A 211 -3.92 4.74 2.74
N PHE A 212 -5.12 4.36 2.26
CA PHE A 212 -6.04 3.68 3.14
C PHE A 212 -5.44 2.33 3.61
N TYR A 213 -4.89 1.51 2.71
CA TYR A 213 -4.37 0.19 3.14
C TYR A 213 -2.99 0.21 3.77
N THR A 214 -2.14 1.21 3.43
CA THR A 214 -0.79 1.31 3.92
C THR A 214 -0.68 1.98 5.28
N TYR A 215 -1.48 3.01 5.51
CA TYR A 215 -1.37 3.79 6.72
C TYR A 215 -2.62 3.83 7.57
N LEU A 216 -3.79 4.03 7.00
CA LEU A 216 -5.04 4.11 7.81
C LEU A 216 -5.32 2.77 8.43
N LEU A 217 -5.33 1.71 7.63
CA LEU A 217 -5.78 0.41 8.13
C LEU A 217 -4.82 -0.12 9.21
N PRO A 218 -3.49 -0.04 9.05
CA PRO A 218 -2.67 -0.60 10.13
C PRO A 218 -2.83 0.17 11.44
N LEU A 219 -2.94 1.49 11.34
CA LEU A 219 -3.15 2.28 12.54
C LEU A 219 -4.46 1.94 13.23
N VAL A 220 -5.57 1.98 12.51
CA VAL A 220 -6.87 1.77 13.10
C VAL A 220 -7.07 0.33 13.53
N MET A 221 -6.46 -0.61 12.82
CA MET A 221 -6.43 -2.02 13.29
C MET A 221 -5.69 -2.18 14.62
N GLY A 222 -4.58 -1.48 14.80
CA GLY A 222 -3.93 -1.49 16.14
C GLY A 222 -4.82 -0.99 17.21
N LEU A 223 -5.53 0.08 16.92
CA LEU A 223 -6.51 0.61 17.87
C LEU A 223 -7.60 -0.38 18.19
N LEU A 224 -8.11 -1.05 17.18
CA LEU A 224 -9.25 -1.94 17.38
C LEU A 224 -8.87 -3.20 18.20
N VAL A 225 -7.74 -3.78 17.93
CA VAL A 225 -7.30 -4.98 18.69
C VAL A 225 -6.86 -4.64 20.11
N SER A 226 -6.56 -3.39 20.34
CA SER A 226 -6.24 -2.84 21.66
C SER A 226 -7.50 -2.29 22.39
N GLU A 227 -8.65 -2.30 21.76
CA GLU A 227 -9.90 -1.70 22.32
C GLU A 227 -9.66 -0.28 22.77
N ALA A 228 -8.97 0.46 21.93
CA ALA A 228 -8.48 1.83 22.20
C ALA A 228 -8.99 2.91 21.28
N ALA A 229 -9.96 2.59 20.42
CA ALA A 229 -10.46 3.59 19.46
C ALA A 229 -10.95 4.84 20.19
N ALA A 230 -11.45 4.76 21.43
CA ALA A 230 -11.62 6.04 22.26
C ALA A 230 -10.38 6.84 22.79
N SER A 231 -9.14 6.39 22.64
CA SER A 231 -7.96 7.24 22.87
C SER A 231 -7.61 8.11 21.69
N VAL A 232 -8.46 8.13 20.64
CA VAL A 232 -8.14 8.97 19.54
C VAL A 232 -9.32 9.71 19.03
N GLU A 233 -9.02 10.78 18.33
CA GLU A 233 -9.96 11.47 17.51
C GLU A 233 -9.79 10.88 16.09
N MET A 234 -10.75 10.12 15.64
CA MET A 234 -10.59 9.40 14.38
C MET A 234 -10.33 10.34 13.20
N ASN A 235 -10.92 11.57 13.19
CA ASN A 235 -10.62 12.44 12.08
C ASN A 235 -9.15 12.82 12.01
N LEU A 236 -8.47 12.98 13.14
CA LEU A 236 -6.99 13.21 13.12
C LEU A 236 -6.21 12.07 12.58
N VAL A 237 -6.65 10.85 12.94
CA VAL A 237 -5.96 9.66 12.44
C VAL A 237 -6.06 9.59 10.94
N GLU A 238 -7.25 9.82 10.39
CA GLU A 238 -7.41 9.88 8.94
C GLU A 238 -6.52 10.92 8.31
N ARG A 239 -6.53 12.15 8.85
CA ARG A 239 -5.76 13.23 8.22
C ARG A 239 -4.27 12.96 8.21
N VAL A 240 -3.75 12.37 9.29
CA VAL A 240 -2.35 12.08 9.38
C VAL A 240 -1.98 10.92 8.50
N ALA A 241 -2.84 9.93 8.43
CA ALA A 241 -2.64 8.81 7.46
C ALA A 241 -2.55 9.33 6.04
N HIS A 242 -3.43 10.25 5.68
CA HIS A 242 -3.51 10.71 4.28
C HIS A 242 -2.27 11.52 3.94
N LEU A 243 -1.80 12.32 4.89
CA LEU A 243 -0.60 13.01 4.66
C LEU A 243 0.67 12.19 4.54
N ILE A 244 0.86 11.27 5.48
CA ILE A 244 2.06 10.48 5.40
C ILE A 244 2.02 9.60 4.13
N GLY A 245 0.84 9.04 3.89
CA GLY A 245 0.71 8.22 2.66
C GLY A 245 1.02 8.92 1.34
N GLU A 246 0.59 10.18 1.23
CA GLU A 246 0.97 11.09 0.13
C GLU A 246 2.46 11.12 -0.06
N TYR A 247 3.18 11.41 1.04
CA TYR A 247 4.64 11.53 1.04
C TYR A 247 5.33 10.23 0.59
N PHE A 248 4.82 9.12 1.13
CA PHE A 248 5.34 7.80 0.75
C PHE A 248 5.30 7.64 -0.78
N GLN A 249 4.15 7.95 -1.33
CA GLN A 249 3.91 7.82 -2.79
C GLN A 249 4.75 8.77 -3.64
N VAL A 250 4.96 9.99 -3.14
CA VAL A 250 5.84 10.92 -3.77
C VAL A 250 7.25 10.37 -3.90
N GLN A 251 7.75 9.84 -2.82
CA GLN A 251 9.03 9.17 -2.88
C GLN A 251 9.04 8.02 -3.83
N ASP A 252 8.01 7.16 -3.82
CA ASP A 252 7.93 6.03 -4.75
C ASP A 252 7.96 6.52 -6.19
N ASP A 253 7.25 7.60 -6.50
CA ASP A 253 7.26 8.12 -7.87
C ASP A 253 8.66 8.60 -8.24
N VAL A 254 9.33 9.30 -7.32
CA VAL A 254 10.67 9.78 -7.68
C VAL A 254 11.64 8.63 -7.93
N MET A 255 11.55 7.61 -7.12
CA MET A 255 12.41 6.42 -7.24
C MET A 255 12.16 5.69 -8.56
N ASP A 256 10.90 5.70 -9.02
CA ASP A 256 10.55 5.00 -10.26
C ASP A 256 11.36 5.52 -11.42
N CYS A 257 11.60 6.82 -11.37
CA CYS A 257 12.26 7.48 -12.48
C CYS A 257 13.78 7.45 -12.33
N PHE A 258 14.26 7.59 -11.09
CA PHE A 258 15.70 7.95 -10.85
C PHE A 258 16.55 6.95 -10.06
N THR A 259 15.94 6.03 -9.32
CA THR A 259 16.68 4.97 -8.64
C THR A 259 17.09 3.91 -9.66
N PRO A 260 18.40 3.48 -9.66
CA PRO A 260 18.86 2.38 -10.49
C PRO A 260 18.00 1.11 -10.32
N PRO A 261 17.68 0.44 -11.45
CA PRO A 261 16.81 -0.74 -11.35
C PRO A 261 17.29 -1.85 -10.35
N GLU A 262 18.60 -2.09 -10.24
CA GLU A 262 19.11 -3.08 -9.25
C GLU A 262 18.72 -2.72 -7.82
N GLN A 263 18.63 -1.42 -7.52
CA GLN A 263 18.24 -0.94 -6.20
C GLN A 263 16.73 -0.88 -6.04
N LEU A 264 16.06 -0.37 -7.06
CA LEU A 264 14.59 -0.32 -7.08
C LEU A 264 13.87 -1.71 -7.00
N GLY A 265 14.55 -2.83 -7.35
CA GLY A 265 13.91 -4.18 -7.52
C GLY A 265 13.12 -4.40 -8.86
N LYS A 266 13.14 -3.40 -9.75
CA LYS A 266 12.45 -3.49 -11.04
C LYS A 266 12.92 -2.36 -11.94
N VAL A 267 12.54 -2.46 -13.21
CA VAL A 267 12.74 -1.39 -14.22
C VAL A 267 11.48 -0.53 -14.18
N GLY A 268 11.63 0.72 -13.73
CA GLY A 268 10.51 1.62 -13.61
C GLY A 268 10.03 2.04 -15.00
N THR A 269 8.70 2.00 -15.19
CA THR A 269 8.09 2.38 -16.48
C THR A 269 6.98 3.47 -16.36
N ASP A 270 6.98 4.28 -15.26
CA ASP A 270 5.91 5.31 -15.09
C ASP A 270 5.80 6.26 -16.30
N ILE A 271 6.95 6.66 -16.86
CA ILE A 271 6.99 7.52 -18.01
C ILE A 271 6.36 6.88 -19.23
N GLU A 272 6.75 5.66 -19.55
CA GLU A 272 6.16 4.97 -20.69
C GLU A 272 4.70 4.69 -20.49
N ASP A 273 4.37 4.39 -19.23
CA ASP A 273 2.95 4.12 -18.90
C ASP A 273 2.09 5.37 -18.77
N ALA A 274 2.72 6.55 -18.93
CA ALA A 274 2.11 7.85 -18.85
C ALA A 274 1.40 8.09 -17.50
N LYS A 275 2.04 7.62 -16.45
CA LYS A 275 1.39 7.70 -15.12
C LYS A 275 1.24 9.15 -14.70
N CYS A 276 0.18 9.45 -13.94
CA CYS A 276 0.13 10.71 -13.22
C CYS A 276 1.02 10.67 -12.04
N SER A 277 2.31 10.93 -12.21
CA SER A 277 3.26 10.89 -11.15
C SER A 277 3.52 12.28 -10.54
N TRP A 278 4.12 12.31 -9.34
CA TRP A 278 4.49 13.57 -8.73
C TRP A 278 5.44 14.36 -9.60
N LEU A 279 6.37 13.68 -10.25
CA LEU A 279 7.30 14.34 -11.20
C LEU A 279 6.55 15.00 -12.34
N ALA A 280 5.62 14.28 -12.99
CA ALA A 280 4.91 14.91 -14.12
C ALA A 280 4.01 16.09 -13.74
N VAL A 281 3.28 15.97 -12.64
CA VAL A 281 2.42 17.03 -12.16
C VAL A 281 3.31 18.27 -11.74
N THR A 282 4.39 18.00 -11.00
CA THR A 282 5.29 19.08 -10.49
C THR A 282 5.95 19.75 -11.71
N PHE A 283 6.35 18.92 -12.69
CA PHE A 283 6.97 19.44 -13.92
C PHE A 283 6.00 20.38 -14.62
N LEU A 284 4.75 19.94 -14.82
CA LEU A 284 3.80 20.70 -15.59
C LEU A 284 3.34 21.96 -14.79
N GLY A 285 3.50 21.94 -13.45
CA GLY A 285 3.18 23.10 -12.61
C GLY A 285 4.25 24.18 -12.64
N LYS A 286 5.40 23.94 -13.29
CA LYS A 286 6.46 24.96 -13.36
C LYS A 286 7.09 25.17 -14.75
N ALA A 287 6.77 24.30 -15.72
CA ALA A 287 7.44 24.36 -17.00
C ALA A 287 6.95 25.51 -17.85
N ASN A 288 7.83 25.95 -18.78
CA ASN A 288 7.39 26.94 -19.69
C ASN A 288 6.71 26.26 -20.90
N ALA A 289 6.16 27.07 -21.82
CA ALA A 289 5.41 26.56 -22.98
C ALA A 289 6.24 25.60 -23.80
N ALA A 290 7.51 25.94 -24.02
CA ALA A 290 8.34 25.08 -24.84
C ALA A 290 8.56 23.73 -24.18
N GLN A 291 8.83 23.76 -22.88
CA GLN A 291 9.06 22.55 -22.05
C GLN A 291 7.80 21.67 -21.98
N VAL A 292 6.62 22.29 -21.89
CA VAL A 292 5.37 21.54 -21.83
C VAL A 292 5.21 20.85 -23.20
N ALA A 293 5.54 21.55 -24.29
CA ALA A 293 5.32 21.00 -25.61
C ALA A 293 6.27 19.80 -25.87
N GLU A 294 7.51 19.90 -25.40
CA GLU A 294 8.46 18.81 -25.50
C GLU A 294 7.97 17.59 -24.67
N PHE A 295 7.47 17.89 -23.46
CA PHE A 295 6.88 16.83 -22.61
C PHE A 295 5.78 16.12 -23.34
N LYS A 296 4.86 16.83 -23.90
CA LYS A 296 3.74 16.17 -24.61
C LYS A 296 4.21 15.29 -25.78
N ALA A 297 5.27 15.71 -26.46
CA ALA A 297 5.70 14.97 -27.64
C ALA A 297 6.46 13.73 -27.25
N ASN A 298 6.79 13.56 -25.97
CA ASN A 298 7.62 12.41 -25.59
C ASN A 298 7.07 11.47 -24.48
N TYR A 299 6.12 11.97 -23.69
CA TYR A 299 5.64 11.19 -22.56
C TYR A 299 4.73 10.07 -23.06
N GLY A 300 4.69 8.98 -22.28
CA GLY A 300 3.78 7.85 -22.50
C GLY A 300 4.11 6.98 -23.72
N GLU A 301 5.37 6.95 -24.09
CA GLU A 301 5.86 6.21 -25.28
C GLU A 301 6.94 5.28 -24.84
N LYS A 302 6.92 4.07 -25.38
CA LYS A 302 7.95 3.10 -25.04
C LYS A 302 9.37 3.43 -25.58
N ASP A 303 9.47 4.11 -26.71
CA ASP A 303 10.75 4.51 -27.32
C ASP A 303 11.80 5.04 -26.29
N PRO A 304 12.94 4.34 -26.09
CA PRO A 304 13.82 4.85 -25.04
C PRO A 304 14.35 6.21 -25.26
N ALA A 305 14.49 6.64 -26.53
CA ALA A 305 14.92 8.04 -26.78
C ALA A 305 13.96 9.05 -26.11
N LYS A 306 12.67 8.73 -26.16
CA LYS A 306 11.60 9.65 -25.71
C LYS A 306 11.55 9.66 -24.20
N VAL A 307 11.70 8.49 -23.62
CA VAL A 307 11.83 8.37 -22.18
C VAL A 307 13.02 9.23 -21.72
N ALA A 308 14.17 9.12 -22.40
CA ALA A 308 15.37 9.88 -21.98
C ALA A 308 15.15 11.39 -22.02
N VAL A 309 14.36 11.85 -22.99
CA VAL A 309 13.99 13.25 -23.16
C VAL A 309 13.14 13.73 -21.94
N VAL A 310 12.16 12.91 -21.51
CA VAL A 310 11.32 13.29 -20.35
C VAL A 310 12.21 13.35 -19.10
N LYS A 311 13.05 12.34 -18.92
CA LYS A 311 14.01 12.31 -17.80
C LYS A 311 14.93 13.52 -17.77
N ARG A 312 15.35 13.93 -18.96
CA ARG A 312 16.18 15.14 -19.11
C ARG A 312 15.39 16.38 -18.73
N LEU A 313 14.15 16.47 -19.19
CA LEU A 313 13.29 17.57 -18.84
C LEU A 313 13.12 17.64 -17.29
N TYR A 314 12.93 16.48 -16.64
CA TYR A 314 12.79 16.49 -15.16
C TYR A 314 14.08 16.99 -14.45
N SER A 315 15.22 16.49 -14.95
CA SER A 315 16.56 16.81 -14.43
C SER A 315 16.88 18.28 -14.55
N LYS A 316 16.33 18.97 -15.54
CA LYS A 316 16.65 20.39 -15.73
C LYS A 316 15.63 21.32 -15.12
N ALA A 317 14.54 20.73 -14.57
CA ALA A 317 13.47 21.56 -14.08
C ALA A 317 13.63 21.81 -12.58
N ASN A 318 14.70 21.27 -12.02
CA ASN A 318 15.10 21.53 -10.64
C ASN A 318 13.91 21.09 -9.71
N LEU A 319 13.44 19.88 -9.97
CA LEU A 319 12.37 19.28 -9.16
C LEU A 319 12.87 19.02 -7.74
N GLN A 320 14.18 18.96 -7.49
CA GLN A 320 14.74 18.84 -6.09
C GLN A 320 14.26 19.95 -5.25
N ALA A 321 14.21 21.15 -5.80
CA ALA A 321 13.74 22.32 -5.02
C ALA A 321 12.25 22.15 -4.61
N ASP A 322 11.44 21.66 -5.52
CA ASP A 322 10.04 21.45 -5.23
C ASP A 322 9.90 20.34 -4.22
N PHE A 323 10.76 19.32 -4.32
CA PHE A 323 10.69 18.17 -3.40
C PHE A 323 11.06 18.65 -2.00
N ALA A 324 12.11 19.45 -1.90
CA ALA A 324 12.50 19.99 -0.58
C ALA A 324 11.38 20.73 0.10
N ALA A 325 10.77 21.64 -0.64
CA ALA A 325 9.68 22.46 -0.19
C ALA A 325 8.48 21.64 0.22
N TYR A 326 8.11 20.67 -0.61
CA TYR A 326 7.06 19.71 -0.29
C TYR A 326 7.35 18.98 1.03
N GLU A 327 8.53 18.42 1.12
CA GLU A 327 9.00 17.68 2.29
C GLU A 327 8.93 18.53 3.54
N ALA A 328 9.41 19.80 3.44
CA ALA A 328 9.38 20.72 4.58
C ALA A 328 7.97 21.01 5.05
N GLU A 329 7.06 21.16 4.10
CA GLU A 329 5.67 21.35 4.45
C GLU A 329 5.00 20.09 5.09
N VAL A 330 5.33 18.92 4.54
CA VAL A 330 4.83 17.64 5.11
C VAL A 330 5.34 17.49 6.57
N VAL A 331 6.60 17.84 6.81
CA VAL A 331 7.14 17.86 8.23
C VAL A 331 6.35 18.74 9.15
N ARG A 332 6.04 19.98 8.73
CA ARG A 332 5.25 20.88 9.58
C ARG A 332 3.91 20.28 9.89
N GLU A 333 3.24 19.76 8.86
CA GLU A 333 1.89 19.35 8.99
C GLU A 333 1.79 18.05 9.80
N VAL A 334 2.72 17.17 9.54
CA VAL A 334 2.71 15.85 10.26
C VAL A 334 3.04 16.08 11.73
N GLU A 335 4.03 16.93 12.01
CA GLU A 335 4.30 17.34 13.40
C GLU A 335 3.15 18.00 14.13
N SER A 336 2.36 18.84 13.43
CA SER A 336 1.19 19.49 13.98
C SER A 336 0.10 18.45 14.36
N LEU A 337 -0.15 17.51 13.43
CA LEU A 337 -1.19 16.30 13.69
C LEU A 337 -0.70 15.50 14.82
N ILE A 338 0.59 15.22 14.89
CA ILE A 338 1.15 14.46 16.02
C ILE A 338 0.86 15.19 17.33
N GLU A 339 1.11 16.50 17.34
CA GLU A 339 0.72 17.26 18.46
C GLU A 339 -0.72 17.18 18.85
N GLN A 340 -1.61 17.31 17.92
CA GLN A 340 -2.96 17.16 18.19
C GLN A 340 -3.30 15.80 18.84
N LEU A 341 -2.71 14.76 18.25
CA LEU A 341 -3.01 13.37 18.69
C LEU A 341 -2.62 13.20 20.20
N LYS A 342 -1.62 13.95 20.66
CA LYS A 342 -1.24 13.96 22.12
C LYS A 342 -2.34 14.41 23.07
N VAL A 343 -3.31 15.18 22.61
CA VAL A 343 -4.36 15.67 23.50
C VAL A 343 -5.11 14.50 24.16
N LYS A 344 -5.49 13.54 23.32
CA LYS A 344 -6.12 12.28 23.77
C LYS A 344 -5.16 11.12 24.01
N SER A 345 -4.06 10.97 23.29
CA SER A 345 -3.12 9.83 23.55
C SER A 345 -1.72 10.07 23.17
N PRO A 346 -0.90 10.43 24.15
CA PRO A 346 0.52 10.40 23.90
C PRO A 346 1.08 9.16 23.31
N THR A 347 0.64 8.00 23.77
CA THR A 347 1.08 6.73 23.25
C THR A 347 0.77 6.59 21.73
N PHE A 348 -0.46 6.86 21.35
CA PHE A 348 -0.84 6.74 19.93
C PHE A 348 -0.03 7.75 19.11
N ALA A 349 0.06 8.96 19.65
CA ALA A 349 0.89 9.96 19.01
C ALA A 349 2.30 9.50 18.73
N GLU A 350 2.95 8.80 19.68
CA GLU A 350 4.24 8.26 19.44
C GLU A 350 4.31 7.17 18.39
N SER A 351 3.27 6.34 18.33
CA SER A 351 3.23 5.31 17.31
C SER A 351 3.21 5.96 15.96
N VAL A 352 2.46 7.07 15.86
CA VAL A 352 2.42 7.79 14.62
C VAL A 352 3.76 8.38 14.30
N ALA A 353 4.44 8.94 15.29
CA ALA A 353 5.78 9.46 15.04
C ALA A 353 6.71 8.42 14.51
N VAL A 354 6.63 7.18 15.04
CA VAL A 354 7.43 6.09 14.45
C VAL A 354 7.12 5.78 12.99
N VAL A 355 5.83 5.65 12.70
CA VAL A 355 5.34 5.53 11.35
C VAL A 355 5.91 6.63 10.46
N TRP A 356 5.85 7.90 10.91
CA TRP A 356 6.43 8.98 10.14
C TRP A 356 7.94 8.84 9.99
N GLU A 357 8.66 8.61 11.08
CA GLU A 357 10.16 8.37 10.92
C GLU A 357 10.54 7.32 9.93
N LYS A 358 9.88 6.17 9.99
CA LYS A 358 10.19 5.08 9.08
C LYS A 358 9.89 5.40 7.65
N THR A 359 8.91 6.24 7.41
CA THR A 359 8.60 6.69 6.08
C THR A 359 9.60 7.75 5.59
N HIS A 360 9.82 8.73 6.44
CA HIS A 360 10.57 9.94 6.13
C HIS A 360 12.05 9.63 5.91
N LYS A 361 12.59 8.66 6.66
CA LYS A 361 14.03 8.28 6.48
C LYS A 361 14.32 7.24 5.36
N ARG A 362 13.57 6.13 5.30
CA ARG A 362 13.90 4.90 4.47
C ARG A 362 14.88 4.96 3.27
S SO4 B . 6.76 -3.53 2.38
O1 SO4 B . 8.16 -4.00 2.11
O2 SO4 B . 5.78 -4.58 1.75
O3 SO4 B . 6.41 -2.29 1.74
O4 SO4 B . 6.71 -3.54 3.94
C ACT C . -2.99 21.16 10.59
O ACT C . -2.79 19.95 10.95
OXT ACT C . -3.94 21.81 11.13
CH3 ACT C . -2.08 21.70 9.47
ZN ZN D . -0.81 -0.62 -11.23
ZN ZN E . 5.45 3.43 -8.39
N1 LX7 F . 5.06 21.79 -6.81
C4 LX7 F . 1.84 19.61 -4.72
C5 LX7 F . 2.43 19.38 -5.99
C6 LX7 F . 4.43 20.81 -6.11
C7 LX7 F . 0.69 15.70 -3.32
N LX7 F . 3.22 20.41 -6.62
C LX7 F . 2.29 18.17 -6.67
O LX7 F . 0.17 16.39 -4.39
C1 LX7 F . 1.55 17.16 -6.10
C2 LX7 F . 0.96 17.39 -4.88
C3 LX7 F . 1.08 18.58 -4.14
F LX7 F . 0.54 16.52 -2.24
F1 LX7 F . 2.00 15.41 -3.49
F2 LX7 F . 0.02 14.57 -3.08
S LX7 F . 5.13 20.25 -4.72
N1 LX7 G . -13.21 11.31 1.54
C4 LX7 G . -13.29 7.98 4.45
C5 LX7 G . -13.53 7.94 3.04
C6 LX7 G . -12.87 10.31 2.39
C7 LX7 G . -12.42 3.79 5.50
N LX7 G . -13.63 9.14 2.25
C LX7 G . -13.74 6.73 2.38
O LX7 G . -13.59 4.43 5.21
C1 LX7 G . -13.74 5.54 3.13
C2 LX7 G . -13.52 5.59 4.51
C3 LX7 G . -13.29 6.80 5.19
F LX7 G . -11.88 3.27 4.36
F1 LX7 G . -12.67 2.81 6.32
F2 LX7 G . -11.55 4.56 6.09
S LX7 G . -11.57 10.56 3.42
N1 LX7 H . 11.77 -18.81 -8.03
C4 LX7 H . 10.02 -17.45 -11.83
C5 LX7 H . 10.95 -18.41 -11.58
C6 LX7 H . 11.73 -18.20 -9.28
C7 LX7 H . 10.49 -15.89 -15.91
N LX7 H . 11.11 -18.85 -10.26
C LX7 H . 11.73 -18.97 -12.64
O LX7 H . 10.09 -17.18 -15.48
C1 LX7 H . 11.48 -18.56 -13.98
C2 LX7 H . 10.48 -17.57 -14.19
C3 LX7 H . 9.77 -17.02 -13.14
F LX7 H . 10.21 -15.81 -17.23
F1 LX7 H . 11.79 -15.63 -15.74
F2 LX7 H . 9.83 -14.90 -15.29
S LX7 H . 12.44 -16.75 -9.46
C ACT I . -12.61 5.06 10.04
O ACT I . -13.16 5.17 8.91
OXT ACT I . -11.38 5.27 10.22
CH3 ACT I . -13.45 4.64 11.22
#